data_6A0O
#
_entry.id   6A0O
#
_cell.length_a   137.743
_cell.length_b   137.743
_cell.length_c   111.732
_cell.angle_alpha   90.00
_cell.angle_beta   90.00
_cell.angle_gamma   90.00
#
_symmetry.space_group_name_H-M   'I 4 2 2'
#
loop_
_entity.id
_entity.type
_entity.pdbx_description
1 polymer '4-hydroxymandelate oxidase'
2 non-polymer 'FLAVIN MONONUCLEOTIDE'
3 non-polymer benzaldehyde
4 water water
#
_entity_poly.entity_id   1
_entity_poly.type   'polypeptide(L)'
_entity_poly.pdbx_seq_one_letter_code
;MGSSHHHHHHSSGLVPRGSHMTYVSLADLERAARDVLPGEIFDFLAGGSGTEASLVANRTALERVFVIPRMLRDLTDVTT
EIDIFGRRAALPMAVAPVAYQRLFHPEGELAVARAARDAGVPYTICTLSSVSLEEIAAVGGRPWFQLFWLRDEKRSLDLV
RRAEDAGCEAIVFTVDVPWMGRRLRDMRNGFALPEWVTAANFDAGTAAHRRTQGVSAVADHTAREFAPATWESVEAVRAH
TDLPVVLKGILAVEDARRAVDAGAGGIVVSNHGGRQLDGAVPGIEMLGEIVAAVSGGCEVLVDGGIRSGGDVLKATALGA
SAVLVGRPVMWALAAAGQDGVRQLLELLAEEVRDAMGLAGCESVGAARRLNTKLGVV
;
_entity_poly.pdbx_strand_id   A
#
loop_
_chem_comp.id
_chem_comp.type
_chem_comp.name
_chem_comp.formula
FMN non-polymer 'FLAVIN MONONUCLEOTIDE' 'C17 H21 N4 O9 P'
HBX non-polymer benzaldehyde 'C7 H6 O'
#
# COMPACT_ATOMS: atom_id res chain seq x y z
N TYR A 23 17.26 14.30 -3.42
CA TYR A 23 16.93 13.29 -2.38
C TYR A 23 17.61 11.99 -2.74
N VAL A 24 18.31 11.38 -1.79
CA VAL A 24 19.04 10.13 -2.15
C VAL A 24 18.54 8.94 -1.34
N SER A 25 17.61 9.19 -0.41
CA SER A 25 16.88 8.13 0.33
C SER A 25 15.48 8.64 0.67
N LEU A 26 14.57 7.73 0.99
CA LEU A 26 13.21 8.15 1.39
C LEU A 26 13.25 8.91 2.64
N ALA A 27 14.29 8.70 3.48
CA ALA A 27 14.38 9.45 4.74
C ALA A 27 14.68 10.91 4.54
N ASP A 28 15.38 11.27 3.47
CA ASP A 28 15.48 12.71 3.17
C ASP A 28 14.07 13.33 3.01
N LEU A 29 13.13 12.61 2.39
CA LEU A 29 11.75 13.18 2.24
C LEU A 29 11.02 13.35 3.60
N GLU A 30 11.17 12.42 4.58
N GLU A 30 11.22 12.43 4.51
CA GLU A 30 10.52 12.62 5.91
CA GLU A 30 10.63 12.56 5.79
C GLU A 30 11.01 13.92 6.53
C GLU A 30 11.04 13.86 6.51
N ARG A 31 12.33 14.16 6.48
CA ARG A 31 12.89 15.35 7.16
C ARG A 31 12.25 16.60 6.49
N ALA A 32 12.16 16.54 5.17
CA ALA A 32 11.61 17.69 4.44
C ALA A 32 10.13 17.89 4.79
N ALA A 33 9.35 16.78 4.88
CA ALA A 33 7.96 16.96 5.22
C ALA A 33 7.72 17.47 6.65
N ARG A 34 8.56 17.02 7.59
CA ARG A 34 8.46 17.48 8.97
C ARG A 34 8.72 19.00 9.05
N ASP A 35 9.67 19.46 8.24
CA ASP A 35 9.90 20.93 8.20
C ASP A 35 8.70 21.73 7.77
N VAL A 36 7.96 21.26 6.77
CA VAL A 36 6.87 22.06 6.22
C VAL A 36 5.50 21.89 6.84
N LEU A 37 5.15 20.67 7.30
CA LEU A 37 3.79 20.49 7.73
C LEU A 37 3.56 21.02 9.13
N PRO A 38 2.39 21.49 9.41
CA PRO A 38 2.03 21.79 10.77
C PRO A 38 2.19 20.52 11.63
N GLY A 39 2.63 20.64 12.87
CA GLY A 39 2.81 19.47 13.73
C GLY A 39 1.66 18.52 13.83
N GLU A 40 0.42 19.01 13.93
CA GLU A 40 -0.73 18.16 14.16
C GLU A 40 -1.00 17.34 12.91
N ILE A 41 -0.74 17.94 11.74
CA ILE A 41 -0.90 17.20 10.48
C ILE A 41 0.24 16.14 10.30
N PHE A 42 1.49 16.52 10.57
CA PHE A 42 2.55 15.55 10.58
C PHE A 42 2.20 14.37 11.53
N ASP A 43 1.63 14.69 12.70
CA ASP A 43 1.29 13.62 13.66
C ASP A 43 0.16 12.76 13.17
N PHE A 44 -0.85 13.30 12.47
CA PHE A 44 -1.92 12.53 11.86
C PHE A 44 -1.30 11.52 10.88
N LEU A 45 -0.36 12.00 10.11
CA LEU A 45 0.35 11.16 9.11
C LEU A 45 1.25 10.12 9.75
N ALA A 46 2.09 10.53 10.69
CA ALA A 46 3.12 9.65 11.24
C ALA A 46 2.60 8.63 12.24
N GLY A 47 1.58 9.02 12.98
CA GLY A 47 1.17 8.29 14.15
C GLY A 47 0.61 6.89 13.92
N GLY A 48 0.56 6.16 15.04
CA GLY A 48 -0.11 4.85 15.13
C GLY A 48 -1.09 4.85 16.27
N SER A 49 -1.70 3.71 16.56
CA SER A 49 -2.60 3.58 17.67
C SER A 49 -1.83 3.24 18.94
N GLY A 50 -2.45 3.55 20.07
CA GLY A 50 -1.93 3.09 21.34
C GLY A 50 -0.54 3.57 21.62
N THR A 51 0.32 2.62 22.00
CA THR A 51 1.72 2.89 22.28
C THR A 51 2.61 2.91 21.06
N GLU A 52 2.03 2.70 19.86
CA GLU A 52 2.72 2.69 18.61
C GLU A 52 3.65 1.48 18.48
N ALA A 53 3.32 0.42 19.24
CA ALA A 53 4.15 -0.82 19.14
C ALA A 53 4.14 -1.44 17.76
N SER A 54 2.98 -1.44 17.11
CA SER A 54 2.87 -2.06 15.78
C SER A 54 3.52 -1.18 14.72
N LEU A 55 3.40 0.13 14.89
CA LEU A 55 4.11 1.05 14.01
C LEU A 55 5.62 0.84 14.01
N VAL A 56 6.21 0.74 15.20
CA VAL A 56 7.64 0.49 15.35
C VAL A 56 7.99 -0.91 14.83
N ALA A 57 7.14 -1.91 15.16
CA ALA A 57 7.44 -3.26 14.73
C ALA A 57 7.49 -3.48 13.24
N ASN A 58 6.72 -2.68 12.51
CA ASN A 58 6.84 -2.79 11.03
C ASN A 58 8.26 -2.55 10.57
N ARG A 59 8.89 -1.53 11.17
CA ARG A 59 10.31 -1.26 10.85
C ARG A 59 11.26 -2.29 11.39
N THR A 60 11.05 -2.67 12.64
N THR A 60 11.08 -2.69 12.63
CA THR A 60 11.91 -3.70 13.28
CA THR A 60 12.04 -3.62 13.21
C THR A 60 11.95 -4.93 12.47
C THR A 60 11.94 -5.01 12.59
N ALA A 61 10.76 -5.39 12.08
CA ALA A 61 10.64 -6.63 11.35
C ALA A 61 11.38 -6.59 10.04
N LEU A 62 11.30 -5.52 9.24
CA LEU A 62 12.05 -5.42 7.99
C LEU A 62 13.52 -5.37 8.23
N GLU A 63 13.92 -4.68 9.28
CA GLU A 63 15.37 -4.53 9.56
C GLU A 63 16.03 -5.83 9.95
N ARG A 64 15.28 -6.80 10.47
CA ARG A 64 15.80 -8.10 10.90
C ARG A 64 15.97 -9.03 9.71
N VAL A 65 15.39 -8.72 8.55
CA VAL A 65 15.41 -9.60 7.40
C VAL A 65 16.66 -9.28 6.58
N PHE A 66 17.46 -10.30 6.25
CA PHE A 66 18.61 -10.12 5.36
C PHE A 66 18.39 -10.98 4.16
N VAL A 67 18.81 -10.48 3.00
CA VAL A 67 18.68 -11.22 1.75
C VAL A 67 19.93 -12.01 1.44
N ILE A 68 19.81 -13.20 0.86
CA ILE A 68 20.93 -13.98 0.37
C ILE A 68 20.99 -13.76 -1.11
N PRO A 69 21.85 -12.83 -1.60
CA PRO A 69 21.86 -12.56 -3.04
C PRO A 69 22.53 -13.62 -3.87
N ARG A 70 22.13 -13.74 -5.11
CA ARG A 70 22.77 -14.58 -6.06
C ARG A 70 23.73 -13.79 -6.97
N MET A 71 24.73 -14.48 -7.45
CA MET A 71 25.78 -13.83 -8.26
C MET A 71 25.83 -14.46 -9.65
N LEU A 72 26.40 -13.69 -10.58
CA LEU A 72 26.87 -14.19 -11.88
C LEU A 72 25.73 -14.62 -12.81
N ARG A 73 24.56 -14.02 -12.57
N ARG A 73 24.57 -14.03 -12.59
CA ARG A 73 23.38 -14.25 -13.42
CA ARG A 73 23.40 -14.30 -13.45
C ARG A 73 23.41 -13.23 -14.58
C ARG A 73 23.30 -13.19 -14.52
N ASP A 74 22.68 -13.55 -15.63
CA ASP A 74 22.51 -12.62 -16.73
C ASP A 74 21.63 -11.47 -16.35
N LEU A 75 22.12 -10.28 -16.47
CA LEU A 75 21.37 -9.06 -16.16
C LEU A 75 21.24 -8.17 -17.37
N THR A 76 21.30 -8.72 -18.57
N THR A 76 21.31 -8.77 -18.55
CA THR A 76 21.28 -7.82 -19.74
CA THR A 76 21.24 -7.96 -19.78
C THR A 76 19.93 -7.20 -20.03
C THR A 76 20.00 -7.11 -19.81
N ASP A 77 18.86 -7.73 -19.44
CA ASP A 77 17.55 -7.08 -19.55
C ASP A 77 16.82 -7.05 -18.22
N VAL A 78 17.46 -6.45 -17.21
CA VAL A 78 16.80 -6.40 -15.88
C VAL A 78 15.51 -5.59 -16.06
N THR A 79 14.41 -6.10 -15.54
CA THR A 79 13.16 -5.40 -15.59
C THR A 79 12.54 -5.48 -14.20
N THR A 80 11.99 -4.34 -13.79
CA THR A 80 11.21 -4.26 -12.52
C THR A 80 9.72 -4.38 -12.73
N GLU A 81 9.24 -4.63 -13.94
CA GLU A 81 7.85 -4.70 -14.25
C GLU A 81 7.19 -5.91 -13.72
N ILE A 82 5.92 -5.78 -13.41
CA ILE A 82 5.08 -6.92 -13.09
C ILE A 82 3.74 -6.81 -13.83
N ASP A 83 3.04 -7.90 -13.95
CA ASP A 83 1.61 -7.90 -14.35
C ASP A 83 0.77 -8.16 -13.14
N ILE A 84 -0.19 -7.29 -12.87
CA ILE A 84 -1.07 -7.51 -11.74
C ILE A 84 -2.46 -7.00 -12.05
N PHE A 85 -3.47 -7.82 -11.71
CA PHE A 85 -4.92 -7.41 -11.96
C PHE A 85 -5.09 -6.97 -13.38
N GLY A 86 -4.46 -7.69 -14.30
CA GLY A 86 -4.57 -7.46 -15.73
C GLY A 86 -3.83 -6.29 -16.33
N ARG A 87 -2.87 -5.71 -15.64
CA ARG A 87 -2.21 -4.55 -16.21
C ARG A 87 -0.74 -4.66 -15.80
N ARG A 88 0.09 -4.16 -16.70
CA ARG A 88 1.51 -4.02 -16.43
C ARG A 88 1.71 -2.88 -15.48
N ALA A 89 2.57 -3.05 -14.48
CA ALA A 89 2.99 -1.99 -13.61
C ALA A 89 4.50 -1.86 -13.75
N ALA A 90 5.05 -0.64 -13.63
CA ALA A 90 6.47 -0.39 -13.83
C ALA A 90 7.39 -0.94 -12.75
N LEU A 91 6.81 -1.12 -11.56
CA LEU A 91 7.49 -1.57 -10.34
C LEU A 91 6.53 -2.47 -9.61
N PRO A 92 7.04 -3.35 -8.73
CA PRO A 92 6.14 -4.18 -7.91
C PRO A 92 5.64 -3.37 -6.70
N MET A 93 4.93 -2.27 -6.96
CA MET A 93 4.53 -1.32 -5.95
C MET A 93 3.31 -0.56 -6.43
N ALA A 94 2.47 -0.19 -5.48
CA ALA A 94 1.36 0.74 -5.73
C ALA A 94 1.35 1.75 -4.59
N VAL A 95 0.76 2.92 -4.80
CA VAL A 95 0.56 3.89 -3.75
C VAL A 95 -0.60 3.42 -2.86
N ALA A 96 -0.32 3.31 -1.56
CA ALA A 96 -1.34 2.83 -0.61
C ALA A 96 -2.48 3.86 -0.53
N PRO A 97 -3.66 3.41 -0.14
CA PRO A 97 -4.72 4.35 0.19
C PRO A 97 -4.40 5.17 1.40
N VAL A 98 -4.35 6.51 1.30
CA VAL A 98 -4.20 7.38 2.44
C VAL A 98 -5.27 8.45 2.35
N ALA A 99 -6.10 8.53 3.33
CA ALA A 99 -7.24 9.51 3.31
C ALA A 99 -6.74 10.94 3.29
N TYR A 100 -7.59 11.80 2.67
CA TYR A 100 -7.49 13.28 2.94
C TYR A 100 -6.16 13.92 2.53
N GLN A 101 -5.74 13.64 1.27
CA GLN A 101 -4.41 14.07 0.84
C GLN A 101 -4.23 15.60 0.67
N ARG A 102 -5.36 16.31 0.62
CA ARG A 102 -5.27 17.78 0.67
C ARG A 102 -4.79 18.29 2.00
N LEU A 103 -4.74 17.44 3.03
CA LEU A 103 -4.07 17.85 4.23
C LEU A 103 -2.63 18.19 4.02
N PHE A 104 -1.99 17.53 3.04
CA PHE A 104 -0.57 17.60 2.83
C PHE A 104 -0.04 18.59 1.81
N HIS A 105 -0.90 18.90 0.87
CA HIS A 105 -0.56 19.79 -0.25
C HIS A 105 -1.88 20.19 -0.84
N PRO A 106 -1.99 21.43 -1.39
CA PRO A 106 -3.26 21.79 -2.00
C PRO A 106 -3.78 21.03 -3.20
N GLU A 107 -2.90 20.39 -3.97
CA GLU A 107 -3.31 19.60 -5.09
C GLU A 107 -3.73 18.18 -4.64
N GLY A 108 -3.35 17.85 -3.43
CA GLY A 108 -3.80 16.55 -2.83
C GLY A 108 -3.69 15.40 -3.76
N GLU A 109 -4.77 14.64 -3.83
CA GLU A 109 -4.81 13.39 -4.60
C GLU A 109 -4.43 13.56 -6.04
N LEU A 110 -4.78 14.74 -6.63
CA LEU A 110 -4.45 14.86 -8.03
C LEU A 110 -2.96 14.90 -8.32
N ALA A 111 -2.19 15.55 -7.46
CA ALA A 111 -0.74 15.60 -7.57
C ALA A 111 -0.15 14.16 -7.49
N VAL A 112 -0.66 13.44 -6.49
CA VAL A 112 -0.09 12.11 -6.34
C VAL A 112 -0.48 11.20 -7.47
N ALA A 113 -1.72 11.23 -7.90
CA ALA A 113 -2.20 10.40 -8.97
C ALA A 113 -1.45 10.68 -10.32
N ARG A 114 -1.23 11.97 -10.61
CA ARG A 114 -0.49 12.34 -11.81
C ARG A 114 0.95 11.75 -11.78
N ALA A 115 1.63 11.87 -10.66
CA ALA A 115 3.00 11.36 -10.51
C ALA A 115 3.00 9.82 -10.64
N ALA A 116 2.01 9.19 -10.02
CA ALA A 116 1.90 7.73 -10.14
C ALA A 116 1.67 7.24 -11.53
N ARG A 117 0.74 7.92 -12.23
CA ARG A 117 0.49 7.64 -13.61
C ARG A 117 1.76 7.77 -14.45
N ASP A 118 2.49 8.88 -14.25
CA ASP A 118 3.65 9.11 -15.08
C ASP A 118 4.79 8.13 -14.81
N ALA A 119 4.81 7.55 -13.61
CA ALA A 119 5.78 6.51 -13.21
C ALA A 119 5.33 5.12 -13.54
N GLY A 120 4.09 4.92 -13.95
CA GLY A 120 3.61 3.63 -14.26
C GLY A 120 3.27 2.78 -13.02
N VAL A 121 2.92 3.42 -11.95
CA VAL A 121 2.63 2.80 -10.65
CA VAL A 121 2.51 2.61 -10.80
C VAL A 121 1.11 2.92 -10.41
N PRO A 122 0.35 1.87 -10.02
CA PRO A 122 -1.00 2.07 -9.63
C PRO A 122 -1.13 3.00 -8.44
N TYR A 123 -2.24 3.77 -8.43
CA TYR A 123 -2.62 4.65 -7.36
C TYR A 123 -3.93 4.22 -6.76
N THR A 124 -4.02 4.08 -5.47
CA THR A 124 -5.26 3.68 -4.82
C THR A 124 -6.07 4.91 -4.40
N ILE A 125 -7.21 5.12 -5.05
CA ILE A 125 -8.16 6.20 -4.70
C ILE A 125 -8.93 5.82 -3.43
N CYS A 126 -8.97 6.66 -2.43
CA CYS A 126 -9.65 6.36 -1.17
C CYS A 126 -11.11 6.71 -1.13
N THR A 127 -11.89 5.87 -0.42
CA THR A 127 -13.25 6.28 -0.09
C THR A 127 -13.25 7.63 0.58
N LEU A 128 -12.31 7.97 1.44
CA LEU A 128 -12.19 9.25 2.12
C LEU A 128 -11.22 10.19 1.40
N SER A 129 -11.28 10.17 0.08
CA SER A 129 -10.43 11.11 -0.70
C SER A 129 -10.99 12.56 -0.53
N SER A 130 -10.08 13.50 -0.60
CA SER A 130 -10.43 14.94 -0.51
C SER A 130 -10.68 15.56 -1.86
N VAL A 131 -10.58 14.80 -2.90
CA VAL A 131 -10.99 15.14 -4.28
C VAL A 131 -11.83 13.97 -4.73
N SER A 132 -12.90 14.16 -5.51
CA SER A 132 -13.78 13.09 -5.86
C SER A 132 -13.10 12.00 -6.67
N LEU A 133 -13.54 10.76 -6.47
CA LEU A 133 -12.95 9.63 -7.17
C LEU A 133 -12.99 9.77 -8.69
N GLU A 134 -14.07 10.41 -9.21
CA GLU A 134 -14.14 10.57 -10.66
C GLU A 134 -13.07 11.55 -11.14
N GLU A 135 -12.85 12.63 -10.43
CA GLU A 135 -11.75 13.58 -10.77
C GLU A 135 -10.41 12.90 -10.78
N ILE A 136 -10.17 12.07 -9.72
CA ILE A 136 -8.87 11.46 -9.67
C ILE A 136 -8.72 10.45 -10.74
N ALA A 137 -9.75 9.64 -11.03
CA ALA A 137 -9.69 8.63 -12.09
C ALA A 137 -9.43 9.28 -13.46
N ALA A 138 -9.98 10.48 -13.62
CA ALA A 138 -9.79 11.19 -14.91
C ALA A 138 -8.35 11.55 -15.19
N VAL A 139 -7.48 11.59 -14.18
CA VAL A 139 -6.05 11.76 -14.38
C VAL A 139 -5.51 10.68 -15.30
N GLY A 140 -6.08 9.50 -15.27
CA GLY A 140 -5.60 8.37 -16.06
C GLY A 140 -4.79 7.39 -15.23
N GLY A 141 -3.90 6.70 -15.89
CA GLY A 141 -3.05 5.78 -15.13
C GLY A 141 -3.76 4.53 -14.79
N ARG A 142 -3.31 3.90 -13.70
CA ARG A 142 -3.93 2.60 -13.29
C ARG A 142 -4.67 2.82 -11.96
N PRO A 143 -5.87 3.49 -11.95
CA PRO A 143 -6.37 3.76 -10.60
C PRO A 143 -7.06 2.47 -10.04
N TRP A 144 -6.77 2.19 -8.78
CA TRP A 144 -7.59 1.27 -8.01
C TRP A 144 -8.46 2.05 -7.10
N PHE A 145 -9.49 1.44 -6.48
CA PHE A 145 -10.36 2.14 -5.56
C PHE A 145 -10.47 1.40 -4.21
N GLN A 146 -10.19 2.10 -3.13
CA GLN A 146 -10.27 1.52 -1.77
C GLN A 146 -11.66 1.77 -1.21
N LEU A 147 -12.29 0.74 -0.71
CA LEU A 147 -13.63 0.76 -0.14
C LEU A 147 -13.63 0.65 1.35
N PHE A 148 -14.30 1.54 2.07
CA PHE A 148 -14.78 1.35 3.43
C PHE A 148 -16.24 1.00 3.35
N TRP A 149 -16.65 -0.04 4.05
CA TRP A 149 -18.07 -0.42 4.09
C TRP A 149 -18.93 0.64 4.78
N LEU A 150 -20.01 1.01 4.08
CA LEU A 150 -20.90 2.08 4.61
C LEU A 150 -22.04 1.45 5.44
N ARG A 151 -22.73 2.34 6.16
CA ARG A 151 -24.07 2.17 6.69
C ARG A 151 -24.96 1.16 6.02
N ASP A 152 -25.14 1.19 4.70
CA ASP A 152 -25.93 0.10 4.12
C ASP A 152 -25.38 -0.51 2.85
N GLU A 153 -25.68 -1.79 2.68
CA GLU A 153 -25.22 -2.51 1.55
C GLU A 153 -25.45 -1.66 0.23
N LYS A 154 -26.62 -1.08 0.05
CA LYS A 154 -26.91 -0.39 -1.22
C LYS A 154 -25.95 0.78 -1.48
N ARG A 155 -25.67 1.59 -0.47
CA ARG A 155 -24.77 2.67 -0.69
C ARG A 155 -23.30 2.21 -0.94
N SER A 156 -22.91 1.14 -0.26
CA SER A 156 -21.55 0.64 -0.46
C SER A 156 -21.34 0.20 -1.87
N LEU A 157 -22.32 -0.52 -2.37
CA LEU A 157 -22.28 -1.05 -3.65
C LEU A 157 -22.34 0.13 -4.68
N ASP A 158 -23.02 1.23 -4.38
N ASP A 158 -23.00 1.25 -4.34
CA ASP A 158 -23.03 2.36 -5.32
CA ASP A 158 -22.97 2.48 -5.21
C ASP A 158 -21.63 3.08 -5.39
C ASP A 158 -21.59 2.95 -5.43
N LEU A 159 -20.83 3.06 -4.34
CA LEU A 159 -19.55 3.51 -4.37
CA LEU A 159 -19.43 3.54 -4.42
C LEU A 159 -18.68 2.58 -5.30
N VAL A 160 -18.89 1.28 -5.14
CA VAL A 160 -18.15 0.36 -5.95
C VAL A 160 -18.49 0.58 -7.46
N ARG A 161 -19.79 0.72 -7.75
CA ARG A 161 -20.22 0.92 -9.14
C ARG A 161 -19.71 2.27 -9.67
N ARG A 162 -19.68 3.31 -8.85
CA ARG A 162 -19.06 4.54 -9.27
C ARG A 162 -17.63 4.37 -9.65
N ALA A 163 -16.87 3.63 -8.81
CA ALA A 163 -15.48 3.45 -9.13
C ALA A 163 -15.28 2.69 -10.41
N GLU A 164 -16.05 1.62 -10.59
CA GLU A 164 -15.98 0.82 -11.80
C GLU A 164 -16.34 1.70 -13.05
N ASP A 165 -17.40 2.44 -12.91
CA ASP A 165 -17.85 3.31 -14.04
C ASP A 165 -16.77 4.30 -14.39
N ALA A 166 -16.00 4.78 -13.39
CA ALA A 166 -14.93 5.75 -13.62
C ALA A 166 -13.64 5.17 -14.17
N GLY A 167 -13.53 3.84 -14.30
CA GLY A 167 -12.38 3.18 -14.85
C GLY A 167 -11.35 2.67 -13.85
N CYS A 168 -11.79 2.54 -12.59
CA CYS A 168 -10.87 1.88 -11.62
C CYS A 168 -10.78 0.42 -11.94
N GLU A 169 -9.61 -0.16 -11.66
N GLU A 169 -9.63 -0.20 -11.70
CA GLU A 169 -9.22 -1.48 -12.15
CA GLU A 169 -9.40 -1.57 -12.17
C GLU A 169 -9.35 -2.60 -11.11
C GLU A 169 -9.22 -2.61 -11.07
N ALA A 170 -9.46 -2.21 -9.84
CA ALA A 170 -9.52 -3.16 -8.71
C ALA A 170 -10.21 -2.46 -7.57
N ILE A 171 -10.90 -3.26 -6.71
CA ILE A 171 -11.53 -2.74 -5.53
C ILE A 171 -10.71 -3.25 -4.34
N VAL A 172 -10.10 -2.34 -3.63
CA VAL A 172 -9.26 -2.67 -2.44
C VAL A 172 -10.19 -2.48 -1.28
N PHE A 173 -10.76 -3.59 -0.78
CA PHE A 173 -11.72 -3.54 0.33
C PHE A 173 -10.93 -3.57 1.65
N THR A 174 -10.94 -2.54 2.41
CA THR A 174 -10.24 -2.45 3.66
C THR A 174 -11.09 -3.24 4.66
N VAL A 175 -10.45 -4.28 5.26
CA VAL A 175 -11.18 -5.23 6.15
C VAL A 175 -10.69 -5.18 7.58
N ASP A 176 -9.81 -4.24 7.92
CA ASP A 176 -9.23 -4.12 9.27
C ASP A 176 -9.74 -2.99 10.08
N VAL A 177 -10.84 -2.34 9.60
CA VAL A 177 -11.36 -1.14 10.21
C VAL A 177 -12.85 -1.34 10.50
N PRO A 178 -13.19 -2.24 11.44
CA PRO A 178 -14.60 -2.16 11.93
C PRO A 178 -14.94 -0.83 12.50
N TRP A 179 -13.95 -0.13 13.07
CA TRP A 179 -13.94 1.24 13.48
C TRP A 179 -12.49 1.67 13.53
N MET A 180 -12.22 2.96 13.58
CA MET A 180 -10.85 3.45 13.59
CA MET A 180 -10.86 3.46 13.60
C MET A 180 -10.18 3.24 14.94
N GLY A 181 -8.90 2.87 14.90
CA GLY A 181 -8.09 2.75 16.09
C GLY A 181 -7.93 4.00 16.90
N ARG A 182 -7.35 3.86 18.09
N ARG A 182 -7.37 3.86 18.09
CA ARG A 182 -7.15 4.93 19.05
CA ARG A 182 -7.24 4.95 19.01
C ARG A 182 -5.82 5.61 18.80
C ARG A 182 -5.87 5.60 18.82
N ARG A 183 -5.81 6.72 18.07
CA ARG A 183 -4.57 7.38 17.72
C ARG A 183 -4.29 8.46 18.75
N LEU A 184 -3.44 8.16 19.71
CA LEU A 184 -3.28 9.07 20.85
C LEU A 184 -2.68 10.38 20.47
N ARG A 185 -1.88 10.44 19.40
CA ARG A 185 -1.33 11.75 19.03
C ARG A 185 -2.47 12.68 18.67
N ASP A 186 -3.43 12.14 17.92
CA ASP A 186 -4.57 12.91 17.39
C ASP A 186 -5.44 13.32 18.57
N MET A 187 -5.67 12.40 19.50
CA MET A 187 -6.39 12.75 20.74
C MET A 187 -5.69 13.85 21.51
N ARG A 188 -4.39 13.73 21.73
CA ARG A 188 -3.65 14.71 22.50
C ARG A 188 -3.66 16.06 21.78
N ASN A 189 -3.63 16.05 20.46
CA ASN A 189 -3.54 17.30 19.73
C ASN A 189 -4.93 17.89 19.53
N GLY A 190 -5.98 17.16 19.84
CA GLY A 190 -7.34 17.52 19.44
C GLY A 190 -7.50 17.71 17.94
N PHE A 191 -6.87 16.85 17.16
CA PHE A 191 -6.87 17.00 15.71
C PHE A 191 -8.25 16.87 15.08
N ALA A 192 -8.56 17.78 14.15
CA ALA A 192 -9.75 17.69 13.33
C ALA A 192 -9.39 18.19 11.95
N LEU A 193 -10.17 17.81 10.93
CA LEU A 193 -9.92 18.27 9.59
C LEU A 193 -10.14 19.78 9.55
N PRO A 194 -9.26 20.50 8.89
CA PRO A 194 -9.59 21.88 8.59
C PRO A 194 -10.87 21.99 7.79
N GLU A 195 -11.47 23.17 7.77
CA GLU A 195 -12.70 23.33 7.02
C GLU A 195 -12.55 23.13 5.53
N TRP A 196 -11.37 23.37 5.00
CA TRP A 196 -11.16 23.29 3.58
C TRP A 196 -10.79 21.84 3.13
N VAL A 197 -10.87 20.86 4.04
CA VAL A 197 -10.66 19.46 3.62
C VAL A 197 -11.91 18.71 3.94
N THR A 198 -12.53 18.05 2.95
CA THR A 198 -13.73 17.26 3.15
C THR A 198 -13.60 15.91 2.45
N ALA A 199 -14.50 15.02 2.85
CA ALA A 199 -14.66 13.70 2.18
C ALA A 199 -15.46 13.95 0.89
N ALA A 200 -14.71 14.20 -0.17
CA ALA A 200 -15.32 14.64 -1.45
C ALA A 200 -16.19 13.67 -2.18
N ASN A 201 -16.17 12.36 -1.81
CA ASN A 201 -17.06 11.41 -2.40
C ASN A 201 -18.48 11.42 -1.84
N PHE A 202 -18.68 12.22 -0.79
CA PHE A 202 -19.99 12.28 -0.05
C PHE A 202 -20.71 13.66 -0.22
N PHE A 226 -20.53 4.73 8.30
CA PHE A 226 -19.79 3.48 8.09
C PHE A 226 -20.20 2.41 9.08
N ALA A 227 -20.00 1.14 8.71
CA ALA A 227 -20.32 0.00 9.58
C ALA A 227 -19.26 -1.08 9.40
N PRO A 228 -19.12 -1.97 10.37
CA PRO A 228 -18.17 -3.05 10.26
C PRO A 228 -18.45 -4.04 9.09
N ALA A 229 -17.47 -4.31 8.26
CA ALA A 229 -17.59 -5.31 7.21
C ALA A 229 -17.49 -6.73 7.75
N THR A 230 -18.16 -7.64 7.07
CA THR A 230 -18.11 -9.06 7.34
C THR A 230 -17.84 -9.84 6.03
N TRP A 231 -17.68 -11.15 6.12
CA TRP A 231 -17.57 -11.98 4.94
C TRP A 231 -18.78 -11.88 3.99
N GLU A 232 -19.95 -11.62 4.57
CA GLU A 232 -21.12 -11.36 3.74
CA GLU A 232 -21.15 -11.34 3.77
C GLU A 232 -20.94 -10.10 2.89
N SER A 233 -20.30 -9.11 3.46
CA SER A 233 -20.08 -7.83 2.76
C SER A 233 -19.16 -8.12 1.58
N VAL A 234 -18.11 -8.89 1.82
CA VAL A 234 -17.21 -9.30 0.74
C VAL A 234 -17.91 -9.95 -0.42
N GLU A 235 -18.81 -10.90 -0.08
CA GLU A 235 -19.59 -11.57 -1.12
C GLU A 235 -20.48 -10.59 -1.85
N ALA A 236 -21.03 -9.61 -1.17
CA ALA A 236 -21.89 -8.65 -1.86
C ALA A 236 -21.09 -7.86 -2.87
N VAL A 237 -19.87 -7.50 -2.48
CA VAL A 237 -19.04 -6.75 -3.39
C VAL A 237 -18.61 -7.60 -4.53
N ARG A 238 -18.17 -8.81 -4.30
CA ARG A 238 -17.74 -9.75 -5.34
C ARG A 238 -18.84 -9.96 -6.36
N ALA A 239 -20.08 -10.03 -5.90
CA ALA A 239 -21.19 -10.32 -6.82
C ALA A 239 -21.54 -9.09 -7.65
N HIS A 240 -21.21 -7.90 -7.16
CA HIS A 240 -21.57 -6.63 -7.77
C HIS A 240 -20.61 -6.11 -8.85
N THR A 241 -19.45 -6.71 -8.97
CA THR A 241 -18.43 -6.18 -9.85
C THR A 241 -17.71 -7.35 -10.46
N ASP A 242 -17.23 -7.15 -11.70
CA ASP A 242 -16.31 -8.08 -12.27
C ASP A 242 -14.83 -7.65 -12.00
N LEU A 243 -14.62 -6.50 -11.35
CA LEU A 243 -13.24 -6.13 -11.03
C LEU A 243 -12.69 -7.09 -9.95
N PRO A 244 -11.38 -7.28 -9.96
CA PRO A 244 -10.75 -8.01 -8.84
C PRO A 244 -10.96 -7.34 -7.54
N VAL A 245 -11.33 -8.11 -6.50
CA VAL A 245 -11.54 -7.61 -5.18
C VAL A 245 -10.32 -8.03 -4.35
N VAL A 246 -9.74 -7.07 -3.70
CA VAL A 246 -8.47 -7.26 -2.96
C VAL A 246 -8.73 -6.91 -1.52
N LEU A 247 -8.55 -7.85 -0.58
CA LEU A 247 -8.85 -7.61 0.80
C LEU A 247 -7.61 -7.08 1.52
N LYS A 248 -7.68 -5.84 2.01
CA LYS A 248 -6.55 -5.20 2.64
C LYS A 248 -6.68 -5.22 4.14
N GLY A 249 -5.66 -5.77 4.81
CA GLY A 249 -5.64 -5.84 6.28
C GLY A 249 -5.76 -7.27 6.77
N ILE A 250 -5.37 -8.24 5.97
CA ILE A 250 -5.38 -9.66 6.37
C ILE A 250 -4.05 -9.95 7.10
N LEU A 251 -4.14 -10.64 8.25
CA LEU A 251 -2.93 -11.09 8.94
C LEU A 251 -2.97 -12.58 9.35
N ALA A 252 -4.16 -13.14 9.58
CA ALA A 252 -4.21 -14.54 9.99
C ALA A 252 -4.17 -15.41 8.72
N VAL A 253 -3.42 -16.54 8.80
CA VAL A 253 -3.33 -17.44 7.72
C VAL A 253 -4.66 -17.94 7.27
N GLU A 254 -5.55 -18.30 8.22
CA GLU A 254 -6.82 -18.80 7.80
C GLU A 254 -7.72 -17.75 7.12
N ASP A 255 -7.52 -16.46 7.50
CA ASP A 255 -8.21 -15.39 6.79
C ASP A 255 -7.70 -15.26 5.34
N ALA A 256 -6.42 -15.48 5.13
CA ALA A 256 -5.89 -15.48 3.76
C ALA A 256 -6.48 -16.58 2.94
N ARG A 257 -6.53 -17.82 3.54
CA ARG A 257 -7.18 -18.90 2.81
C ARG A 257 -8.60 -18.66 2.54
N ARG A 258 -9.35 -18.11 3.54
CA ARG A 258 -10.75 -17.84 3.31
C ARG A 258 -10.96 -16.76 2.27
N ALA A 259 -10.03 -15.77 2.20
CA ALA A 259 -10.10 -14.79 1.16
C ALA A 259 -10.06 -15.42 -0.25
N VAL A 260 -9.19 -16.40 -0.44
CA VAL A 260 -9.12 -17.06 -1.72
C VAL A 260 -10.44 -17.78 -2.00
N ASP A 261 -10.88 -18.53 -0.99
CA ASP A 261 -12.18 -19.27 -1.09
C ASP A 261 -13.33 -18.37 -1.39
N ALA A 262 -13.32 -17.13 -0.91
CA ALA A 262 -14.32 -16.11 -1.12
C ALA A 262 -14.24 -15.43 -2.48
N GLY A 263 -13.24 -15.75 -3.28
CA GLY A 263 -13.10 -15.24 -4.60
C GLY A 263 -12.31 -13.93 -4.74
N ALA A 264 -11.58 -13.59 -3.69
CA ALA A 264 -10.65 -12.46 -3.83
C ALA A 264 -9.63 -12.68 -4.86
N GLY A 265 -9.32 -11.61 -5.59
CA GLY A 265 -8.20 -11.63 -6.51
C GLY A 265 -6.85 -11.31 -5.90
N GLY A 266 -6.94 -10.77 -4.70
CA GLY A 266 -5.71 -10.45 -3.98
C GLY A 266 -5.98 -10.19 -2.54
N ILE A 267 -4.91 -10.10 -1.73
CA ILE A 267 -4.97 -9.63 -0.35
C ILE A 267 -3.79 -8.68 -0.14
N VAL A 268 -3.91 -7.80 0.83
CA VAL A 268 -2.78 -7.03 1.30
C VAL A 268 -2.54 -7.41 2.76
N VAL A 269 -1.42 -8.08 3.01
CA VAL A 269 -1.03 -8.51 4.31
C VAL A 269 -0.49 -7.27 5.04
N SER A 270 -1.18 -6.83 6.12
CA SER A 270 -1.06 -5.48 6.64
C SER A 270 -1.61 -5.32 8.01
N ASN A 271 -0.97 -4.53 8.84
CA ASN A 271 -1.52 -4.08 10.12
C ASN A 271 -1.92 -2.61 10.05
N HIS A 272 -2.18 -2.12 8.83
CA HIS A 272 -2.71 -0.77 8.62
C HIS A 272 -1.70 0.27 9.13
N GLY A 273 -0.41 0.02 8.89
CA GLY A 273 0.62 0.92 9.32
C GLY A 273 0.66 1.18 10.78
N GLY A 274 0.23 0.21 11.57
CA GLY A 274 0.21 0.33 13.01
C GLY A 274 -0.83 1.28 13.60
N ARG A 275 -1.83 1.57 12.80
CA ARG A 275 -2.89 2.54 13.15
C ARG A 275 -4.17 1.89 13.67
N GLN A 276 -4.27 0.55 13.63
CA GLN A 276 -5.52 -0.12 14.00
C GLN A 276 -5.26 -0.84 15.35
N LEU A 277 -5.11 -2.16 15.34
CA LEU A 277 -4.80 -2.81 16.64
C LEU A 277 -3.39 -2.58 17.06
N ASP A 278 -3.16 -1.92 18.20
CA ASP A 278 -1.83 -1.75 18.74
C ASP A 278 -1.40 -3.09 19.35
N GLY A 279 -0.34 -3.69 18.82
CA GLY A 279 0.01 -5.10 19.18
C GLY A 279 -0.26 -6.08 18.09
N ALA A 280 -0.87 -5.67 16.99
CA ALA A 280 -1.02 -6.54 15.83
C ALA A 280 0.36 -6.81 15.25
N VAL A 281 0.59 -8.05 14.90
CA VAL A 281 1.78 -8.50 14.19
C VAL A 281 2.01 -7.68 12.91
N PRO A 282 3.27 -7.40 12.57
CA PRO A 282 3.52 -6.83 11.24
C PRO A 282 3.17 -7.78 10.11
N GLY A 283 2.69 -7.25 9.02
CA GLY A 283 2.37 -8.06 7.88
C GLY A 283 3.59 -8.81 7.38
N ILE A 284 4.77 -8.15 7.35
CA ILE A 284 5.96 -8.80 6.85
CA ILE A 284 5.99 -8.79 6.87
C ILE A 284 6.28 -10.08 7.64
N GLU A 285 5.83 -10.16 8.89
CA GLU A 285 6.09 -11.37 9.71
C GLU A 285 5.15 -12.52 9.37
N MET A 286 3.99 -12.22 8.81
CA MET A 286 3.01 -13.24 8.40
C MET A 286 3.15 -13.65 6.95
N LEU A 287 3.84 -12.81 6.16
CA LEU A 287 3.80 -12.94 4.71
C LEU A 287 4.25 -14.31 4.22
N GLY A 288 5.37 -14.85 4.70
CA GLY A 288 5.86 -16.08 4.13
C GLY A 288 4.87 -17.22 4.39
N GLU A 289 4.31 -17.27 5.61
N GLU A 289 4.30 -17.24 5.57
CA GLU A 289 3.30 -18.30 5.94
CA GLU A 289 3.33 -18.26 5.91
C GLU A 289 2.07 -18.16 5.02
C GLU A 289 2.06 -18.17 5.06
N ILE A 290 1.61 -16.94 4.84
CA ILE A 290 0.43 -16.68 4.03
C ILE A 290 0.67 -17.06 2.57
N VAL A 291 1.84 -16.70 2.04
CA VAL A 291 2.19 -17.05 0.64
C VAL A 291 2.13 -18.55 0.46
N ALA A 292 2.69 -19.28 1.41
CA ALA A 292 2.62 -20.73 1.35
C ALA A 292 1.21 -21.27 1.40
N ALA A 293 0.39 -20.71 2.25
CA ALA A 293 -0.96 -21.18 2.42
C ALA A 293 -1.85 -20.93 1.21
N VAL A 294 -1.70 -19.80 0.55
N VAL A 294 -1.62 -19.80 0.55
CA VAL A 294 -2.57 -19.55 -0.59
CA VAL A 294 -2.44 -19.31 -0.53
C VAL A 294 -2.11 -20.26 -1.86
C VAL A 294 -2.21 -20.15 -1.82
N SER A 295 -0.81 -20.54 -1.90
N SER A 295 -1.02 -20.74 -1.90
CA SER A 295 -0.22 -21.37 -2.96
CA SER A 295 -0.64 -21.62 -3.04
C SER A 295 -0.76 -20.98 -4.33
C SER A 295 -0.90 -20.99 -4.41
N GLY A 296 -0.57 -19.71 -4.58
CA GLY A 296 -0.84 -19.08 -5.86
C GLY A 296 -2.28 -18.77 -6.15
N GLY A 297 -3.19 -18.94 -5.19
CA GLY A 297 -4.61 -18.74 -5.42
C GLY A 297 -5.08 -17.28 -5.54
N CYS A 298 -4.22 -16.35 -5.11
CA CYS A 298 -4.50 -14.89 -5.33
C CYS A 298 -3.16 -14.17 -5.21
N GLU A 299 -3.14 -12.94 -5.65
CA GLU A 299 -1.95 -12.10 -5.46
C GLU A 299 -1.85 -11.79 -3.98
N VAL A 300 -0.62 -11.75 -3.48
CA VAL A 300 -0.37 -11.45 -2.05
C VAL A 300 0.54 -10.25 -1.97
N LEU A 301 -0.04 -9.11 -1.59
CA LEU A 301 0.71 -7.88 -1.40
C LEU A 301 1.01 -7.70 0.07
N VAL A 302 1.92 -6.83 0.40
CA VAL A 302 2.26 -6.50 1.79
C VAL A 302 2.45 -5.01 1.89
N ASP A 303 2.21 -4.45 3.06
CA ASP A 303 2.61 -3.07 3.34
C ASP A 303 3.06 -2.90 4.76
N GLY A 304 3.48 -1.71 5.10
CA GLY A 304 3.93 -1.37 6.41
C GLY A 304 5.39 -1.19 6.50
N GLY A 305 5.87 0.05 6.54
CA GLY A 305 7.28 0.32 6.69
C GLY A 305 8.18 0.17 5.50
N ILE A 306 7.66 0.01 4.28
CA ILE A 306 8.53 -0.09 3.12
C ILE A 306 9.18 1.31 2.88
N ARG A 307 10.49 1.37 2.96
CA ARG A 307 11.21 2.71 2.95
C ARG A 307 12.37 2.72 2.00
N SER A 308 12.50 1.74 1.11
CA SER A 308 13.57 1.65 0.15
C SER A 308 13.33 0.56 -0.84
N GLY A 309 14.09 0.59 -1.92
CA GLY A 309 14.06 -0.49 -2.87
C GLY A 309 14.59 -1.79 -2.25
N GLY A 310 15.55 -1.70 -1.32
CA GLY A 310 15.95 -2.89 -0.62
C GLY A 310 14.83 -3.48 0.18
N ASP A 311 13.96 -2.67 0.78
CA ASP A 311 12.79 -3.23 1.53
C ASP A 311 11.83 -3.91 0.54
N VAL A 312 11.64 -3.33 -0.66
CA VAL A 312 10.84 -3.97 -1.70
C VAL A 312 11.42 -5.32 -2.07
N LEU A 313 12.74 -5.40 -2.18
CA LEU A 313 13.37 -6.68 -2.46
C LEU A 313 13.11 -7.68 -1.33
N LYS A 314 13.22 -7.25 -0.10
CA LYS A 314 12.93 -8.16 1.03
C LYS A 314 11.53 -8.70 0.94
N ALA A 315 10.57 -7.80 0.74
CA ALA A 315 9.17 -8.25 0.62
C ALA A 315 9.00 -9.22 -0.49
N THR A 316 9.59 -8.98 -1.66
CA THR A 316 9.52 -9.87 -2.78
CA THR A 316 9.43 -9.93 -2.76
C THR A 316 10.12 -11.24 -2.42
N ALA A 317 11.30 -11.20 -1.78
CA ALA A 317 12.00 -12.46 -1.43
C ALA A 317 11.16 -13.28 -0.46
N LEU A 318 10.37 -12.61 0.38
CA LEU A 318 9.43 -13.33 1.30
C LEU A 318 8.18 -13.79 0.61
N GLY A 319 7.98 -13.46 -0.63
CA GLY A 319 6.90 -14.00 -1.45
C GLY A 319 5.86 -13.01 -1.97
N ALA A 320 5.96 -11.75 -1.59
CA ALA A 320 4.99 -10.73 -2.07
C ALA A 320 5.00 -10.56 -3.57
N SER A 321 3.78 -10.41 -4.11
CA SER A 321 3.60 -10.03 -5.50
C SER A 321 4.02 -8.57 -5.72
N ALA A 322 3.77 -7.73 -4.71
CA ALA A 322 3.99 -6.31 -4.77
C ALA A 322 3.84 -5.72 -3.40
N VAL A 323 4.22 -4.47 -3.22
CA VAL A 323 4.05 -3.80 -1.96
C VAL A 323 3.13 -2.58 -2.14
N LEU A 324 2.59 -2.11 -1.06
CA LEU A 324 2.04 -0.71 -1.01
C LEU A 324 2.99 0.16 -0.22
N VAL A 325 3.06 1.44 -0.60
CA VAL A 325 3.85 2.47 0.14
C VAL A 325 2.89 3.62 0.50
N GLY A 326 2.84 3.97 1.78
CA GLY A 326 1.96 5.01 2.26
C GLY A 326 2.64 6.25 2.65
N ARG A 327 3.07 6.34 3.89
CA ARG A 327 3.69 7.56 4.43
C ARG A 327 4.71 8.25 3.51
N PRO A 328 5.65 7.51 2.92
CA PRO A 328 6.70 8.18 2.13
C PRO A 328 6.10 8.96 0.97
N VAL A 329 5.03 8.46 0.39
CA VAL A 329 4.38 9.16 -0.76
C VAL A 329 3.85 10.51 -0.23
N MET A 330 3.27 10.55 0.93
CA MET A 330 2.75 11.74 1.54
C MET A 330 3.87 12.66 1.92
N TRP A 331 5.01 12.14 2.37
CA TRP A 331 6.16 13.04 2.66
C TRP A 331 6.56 13.79 1.40
N ALA A 332 6.63 13.11 0.28
CA ALA A 332 7.07 13.69 -1.02
C ALA A 332 6.03 14.72 -1.45
N LEU A 333 4.75 14.39 -1.29
CA LEU A 333 3.65 15.31 -1.65
C LEU A 333 3.78 16.55 -0.80
N ALA A 334 3.99 16.42 0.49
CA ALA A 334 4.11 17.59 1.39
C ALA A 334 5.35 18.42 0.97
N ALA A 335 6.44 17.72 0.70
CA ALA A 335 7.70 18.43 0.45
C ALA A 335 7.64 19.23 -0.82
N ALA A 336 7.07 18.69 -1.87
CA ALA A 336 7.23 19.29 -3.21
C ALA A 336 6.14 18.96 -4.20
N GLY A 337 4.94 18.63 -3.72
CA GLY A 337 3.82 18.39 -4.57
C GLY A 337 3.99 17.30 -5.59
N GLN A 338 3.41 17.46 -6.76
CA GLN A 338 3.55 16.46 -7.78
C GLN A 338 5.00 16.12 -8.08
N ASP A 339 5.85 17.17 -8.23
CA ASP A 339 7.26 16.95 -8.54
CA ASP A 339 7.24 16.93 -8.59
C ASP A 339 7.95 16.14 -7.47
N GLY A 340 7.60 16.39 -6.21
CA GLY A 340 8.11 15.59 -5.10
C GLY A 340 7.76 14.13 -5.23
N VAL A 341 6.51 13.85 -5.51
CA VAL A 341 6.11 12.44 -5.66
C VAL A 341 6.83 11.82 -6.81
N ARG A 342 6.98 12.56 -7.94
CA ARG A 342 7.74 12.03 -9.06
C ARG A 342 9.17 11.69 -8.66
N GLN A 343 9.84 12.57 -7.92
CA GLN A 343 11.21 12.32 -7.49
C GLN A 343 11.28 11.07 -6.57
N LEU A 344 10.31 11.00 -5.66
CA LEU A 344 10.26 9.77 -4.80
C LEU A 344 10.14 8.52 -5.66
N LEU A 345 9.24 8.47 -6.65
CA LEU A 345 9.04 7.27 -7.44
C LEU A 345 10.23 6.97 -8.30
N GLU A 346 10.92 8.01 -8.81
CA GLU A 346 12.15 7.82 -9.56
C GLU A 346 13.25 7.19 -8.63
N LEU A 347 13.34 7.69 -7.44
CA LEU A 347 14.33 7.20 -6.46
C LEU A 347 14.01 5.72 -6.14
N LEU A 348 12.74 5.46 -5.85
CA LEU A 348 12.38 4.06 -5.58
CA LEU A 348 12.36 4.09 -5.58
C LEU A 348 12.63 3.16 -6.73
N ALA A 349 12.30 3.59 -7.97
CA ALA A 349 12.61 2.79 -9.11
C ALA A 349 14.11 2.48 -9.24
N GLU A 350 14.95 3.46 -9.02
N GLU A 350 14.92 3.50 -9.02
CA GLU A 350 16.38 3.22 -9.10
CA GLU A 350 16.39 3.34 -9.06
C GLU A 350 16.85 2.27 -7.97
C GLU A 350 16.77 2.26 -8.03
N GLU A 351 16.26 2.43 -6.80
CA GLU A 351 16.67 1.54 -5.66
C GLU A 351 16.22 0.12 -5.93
N VAL A 352 15.03 -0.06 -6.48
CA VAL A 352 14.55 -1.41 -6.75
C VAL A 352 15.40 -2.08 -7.83
N ARG A 353 15.68 -1.39 -8.95
CA ARG A 353 16.54 -1.92 -9.94
C ARG A 353 17.94 -2.27 -9.38
N ASP A 354 18.51 -1.36 -8.60
CA ASP A 354 19.83 -1.58 -7.99
C ASP A 354 19.83 -2.82 -7.12
N ALA A 355 18.84 -2.90 -6.23
CA ALA A 355 18.77 -4.08 -5.31
C ALA A 355 18.57 -5.35 -6.06
N MET A 356 17.67 -5.36 -7.05
CA MET A 356 17.43 -6.57 -7.83
C MET A 356 18.68 -7.05 -8.51
N GLY A 357 19.39 -6.15 -9.19
CA GLY A 357 20.54 -6.57 -9.93
C GLY A 357 21.67 -7.00 -9.03
N LEU A 358 21.92 -6.26 -7.94
CA LEU A 358 22.92 -6.68 -6.98
C LEU A 358 22.66 -8.05 -6.41
N ALA A 359 21.36 -8.39 -6.34
CA ALA A 359 20.94 -9.71 -5.87
C ALA A 359 20.81 -10.81 -6.95
N GLY A 360 21.16 -10.48 -8.19
CA GLY A 360 21.15 -11.39 -9.26
C GLY A 360 19.82 -11.67 -9.90
N CYS A 361 18.92 -10.72 -9.83
CA CYS A 361 17.55 -10.94 -10.27
C CYS A 361 17.24 -10.09 -11.49
N GLU A 362 17.01 -10.74 -12.61
CA GLU A 362 16.67 -9.99 -13.84
CA GLU A 362 16.65 -10.00 -13.84
C GLU A 362 15.17 -9.68 -13.88
N SER A 363 14.36 -10.30 -13.02
CA SER A 363 12.95 -10.11 -13.00
C SER A 363 12.45 -10.18 -11.55
N VAL A 364 11.27 -9.64 -11.29
CA VAL A 364 10.64 -9.76 -10.00
C VAL A 364 10.38 -11.26 -9.65
N GLY A 365 10.00 -12.06 -10.62
CA GLY A 365 9.84 -13.47 -10.29
C GLY A 365 11.09 -14.08 -9.74
N ALA A 366 12.26 -13.75 -10.31
CA ALA A 366 13.49 -14.23 -9.74
C ALA A 366 13.71 -13.75 -8.32
N ALA A 367 13.34 -12.50 -8.06
CA ALA A 367 13.45 -11.98 -6.69
C ALA A 367 12.60 -12.78 -5.70
N ARG A 368 11.45 -13.25 -6.16
CA ARG A 368 10.59 -14.05 -5.29
C ARG A 368 11.25 -15.35 -4.92
N ARG A 369 12.19 -15.83 -5.70
CA ARG A 369 12.86 -17.09 -5.42
C ARG A 369 14.12 -16.91 -4.54
N LEU A 370 14.50 -15.66 -4.25
CA LEU A 370 15.58 -15.44 -3.30
C LEU A 370 15.27 -15.98 -1.93
N ASN A 371 16.29 -16.44 -1.21
CA ASN A 371 16.15 -16.82 0.18
C ASN A 371 16.61 -15.67 1.11
N THR A 372 16.16 -15.76 2.34
CA THR A 372 16.40 -14.78 3.36
C THR A 372 16.87 -15.41 4.64
N LYS A 373 17.49 -14.59 5.50
CA LYS A 373 17.94 -15.08 6.82
CA LYS A 373 17.97 -15.08 6.82
C LYS A 373 17.61 -14.00 7.82
N LEU A 374 17.07 -14.39 8.99
CA LEU A 374 16.84 -13.38 10.04
C LEU A 374 18.10 -13.09 10.85
N GLY A 375 18.33 -11.81 11.10
CA GLY A 375 19.48 -11.36 11.86
C GLY A 375 19.03 -10.66 13.11
N VAL A 376 19.90 -9.80 13.61
CA VAL A 376 19.66 -9.03 14.82
C VAL A 376 20.13 -7.60 14.57
N VAL A 377 19.29 -6.78 15.13
CA VAL A 377 19.15 -5.33 15.08
C VAL A 377 19.08 -4.62 13.77
N1 FMN B . -5.74 2.55 4.65
C2 FMN B . -6.94 2.30 4.08
O2 FMN B . -7.26 1.16 3.69
N3 FMN B . -7.79 3.42 3.90
C4 FMN B . -7.49 4.61 4.33
O4 FMN B . -8.32 5.60 4.15
C4A FMN B . -6.24 4.91 4.93
N5 FMN B . -5.87 6.13 5.36
C5A FMN B . -4.64 6.33 5.92
C6 FMN B . -4.21 7.57 6.36
C7 FMN B . -2.99 7.81 6.84
C7M FMN B . -2.53 9.20 7.27
C8 FMN B . -2.03 6.74 6.93
C8M FMN B . -0.64 7.01 7.41
C9 FMN B . -2.42 5.47 6.48
C9A FMN B . -3.68 5.22 6.02
N10 FMN B . -4.11 3.97 5.60
C10 FMN B . -5.33 3.76 5.09
C1' FMN B . -3.18 2.80 5.71
C2' FMN B . -2.23 2.70 4.50
O2' FMN B . -2.98 2.32 3.35
C3' FMN B . -1.08 1.67 4.74
O3' FMN B . -1.70 0.42 5.10
C4' FMN B . -0.18 2.13 5.84
O4' FMN B . 0.10 3.55 5.77
C5' FMN B . 1.13 1.33 5.96
O5' FMN B . 2.04 1.70 5.14
P FMN B . 3.30 2.78 5.39
O1P FMN B . 2.62 4.09 5.68
O2P FMN B . 4.23 2.40 6.50
O3P FMN B . 3.93 2.64 4.04
C1' HBX C . -6.97 5.10 8.49
C1' HBX C . -6.44 5.49 8.48
O1' HBX C . -7.23 4.39 7.54
O1' HBX C . -5.73 5.12 9.36
C1 HBX C . -7.67 6.41 8.59
C1 HBX C . -7.30 6.70 8.63
C2 HBX C . -7.55 7.19 9.74
C2 HBX C . -7.29 7.52 9.76
C3 HBX C . -8.24 8.41 9.85
C3 HBX C . -8.17 8.61 9.91
C4 HBX C . -9.01 8.83 8.79
C4 HBX C . -9.04 8.90 8.86
C5 HBX C . -9.12 8.05 7.64
C5 HBX C . -9.04 8.09 7.72
C6 HBX C . -8.45 6.83 7.53
C6 HBX C . -8.19 7.00 7.59
C1' HBX D . -13.93 6.76 9.39
O1' HBX D . -14.19 7.43 10.38
C1 HBX D . -14.29 5.34 9.38
C2 HBX D . -14.95 4.75 10.47
C3 HBX D . -15.32 3.40 10.44
C4 HBX D . -14.97 2.62 9.33
C5 HBX D . -14.30 3.22 8.26
C6 HBX D . -13.96 4.57 8.27
C1' HBX E . 9.60 -14.53 10.42
C1' HBX E . 9.27 -14.62 10.70
O1' HBX E . 9.12 -15.15 9.48
O1' HBX E . 9.36 -15.08 11.82
C1 HBX E . 9.96 -13.11 10.22
C1 HBX E . 9.75 -13.23 10.43
C2 HBX E . 10.46 -12.30 11.27
C2 HBX E . 10.24 -12.37 11.45
C3 HBX E . 10.81 -10.93 11.03
C3 HBX E . 10.68 -11.04 11.12
C4 HBX E . 10.62 -10.42 9.75
C4 HBX E . 10.61 -10.61 9.80
C5 HBX E . 10.08 -11.24 8.70
C5 HBX E . 10.08 -11.47 8.79
C6 HBX E . 9.78 -12.57 8.95
C6 HBX E . 9.68 -12.78 9.10
#